data_4O03
#
_entry.id   4O03
#
_cell.length_a   177.459
_cell.length_b   89.431
_cell.length_c   87.982
_cell.angle_alpha   90.00
_cell.angle_beta   116.36
_cell.angle_gamma   90.00
#
_symmetry.space_group_name_H-M   'C 1 2 1'
#
loop_
_entity.id
_entity.type
_entity.pdbx_description
1 polymer Prothrombin
2 non-polymer 'CALCIUM ION'
3 non-polymer 2-acetamido-2-deoxy-beta-D-glucopyranose
#
_entity_poly.entity_id   1
_entity_poly.type   'polypeptide(L)'
_entity_poly.pdbx_seq_one_letter_code
;ANTFL(CGU)(CGU)VRKGNL(CGU)R(CGU)CV(CGU)(CGU)TCSY(CGU)(CGU)AF(CGU)AL(CGU)SSTATDVF
WAKYTACETARTPRDKLAACLEGNCAEGLGTNYRGHVNITRSGIECQLWRSRYPHKPEINSTTHPGADLQENFCRNPDSS
TTGPWCYTTDPTVRRQECSIPVCGQEQCVPDRGQQYQGRLAVTTHGLPCLAWASAQAKALSKHQDFNSAVQLVENFCRNP
DGDEEGVWCYVAGKPGDFGYCDLNYCEEAVEEETGDGLDEDSDRAIEGRTATSEYQTFFNPRTFGSGEADCGLRPLFEKK
SLEDKTERELLESYIDGRIVEGSDAEIGMSPWQVMLFRKSPQELLCGASLISDRWVLTAAHCLLYPPWDKNFTENDLLVR
IGKHSRTRYERNIEKISMLEKIYIHPRYNWRENLDRDIALMKLKKPVAFSDYIHPVCLPDRETAASLLQAGYKGRVTGWG
NLKETWTANVGKGQPSVLQVVNLPIVERPVCKDSTRIRITDNMFCAGYKPDEGKRGDACEGDSGGPFVMKSPFNNRWYQM
GIVSWGEGCDRDGKYGFYTHVFRLKKWIQKVIDQFGE
;
_entity_poly.pdbx_strand_id   A
#
# COMPACT_ATOMS: atom_id res chain seq x y z
N ALA A 1 -25.61 -29.51 -2.65
CA ALA A 1 -25.85 -29.81 -1.22
C ALA A 1 -26.81 -30.97 -1.10
N ASN A 2 -26.92 -31.54 0.10
CA ASN A 2 -27.86 -32.63 0.36
C ASN A 2 -28.62 -32.56 1.70
N THR A 3 -29.28 -31.44 1.97
CA THR A 3 -30.07 -31.29 3.20
C THR A 3 -31.18 -32.36 3.44
N PHE A 4 -30.76 -33.54 3.88
CA PHE A 4 -31.68 -34.62 4.14
C PHE A 4 -32.43 -34.95 2.84
N LEU A 5 -33.78 -34.58 2.80
CA LEU A 5 -34.67 -35.30 1.87
C LEU A 5 -34.30 -35.31 0.38
N VAL A 8 -35.27 -37.44 -3.66
CA VAL A 8 -36.37 -37.94 -4.45
C VAL A 8 -36.38 -37.18 -5.78
N ARG A 9 -36.01 -35.89 -5.71
CA ARG A 9 -35.99 -35.00 -6.88
C ARG A 9 -34.81 -35.30 -7.83
N LYS A 10 -35.07 -35.16 -9.13
CA LYS A 10 -34.04 -35.29 -10.19
C LYS A 10 -32.96 -34.19 -10.04
N GLY A 11 -31.71 -34.53 -10.37
CA GLY A 11 -30.60 -33.57 -10.28
C GLY A 11 -30.86 -32.22 -10.97
N ASN A 12 -30.37 -31.14 -10.35
CA ASN A 12 -30.37 -29.80 -10.97
C ASN A 12 -29.00 -29.11 -10.78
N LEU A 13 -28.32 -28.88 -11.90
CA LEU A 13 -27.00 -28.26 -11.91
C LEU A 13 -27.07 -26.92 -11.17
N ARG A 15 -29.61 -25.42 -8.95
CA ARG A 15 -29.98 -25.52 -7.53
C ARG A 15 -28.86 -26.12 -6.69
N CYS A 17 -25.37 -27.45 -7.86
CA CYS A 17 -23.92 -27.20 -8.06
C CYS A 17 -23.55 -25.74 -8.32
N VAL A 18 -24.57 -24.89 -8.51
CA VAL A 18 -24.38 -23.46 -8.80
C VAL A 18 -24.90 -22.53 -7.69
N THR A 21 -22.33 -25.05 -3.43
CA THR A 21 -21.16 -25.81 -3.95
C THR A 21 -21.51 -27.31 -3.85
N CYS A 22 -20.68 -28.20 -4.40
CA CYS A 22 -21.10 -29.62 -4.53
C CYS A 22 -20.01 -30.71 -4.57
N SER A 23 -20.45 -31.96 -4.82
CA SER A 23 -19.57 -33.13 -4.91
C SER A 23 -19.67 -33.83 -6.29
N TYR A 24 -18.85 -34.86 -6.51
CA TYR A 24 -18.84 -35.59 -7.80
C TYR A 24 -20.20 -36.21 -8.18
N ALA A 27 -23.23 -33.97 -8.99
CA ALA A 27 -22.91 -33.62 -10.37
C ALA A 27 -23.41 -34.72 -11.31
N PHE A 28 -22.91 -35.95 -11.15
CA PHE A 28 -23.33 -37.08 -11.99
C PHE A 28 -24.85 -37.25 -12.11
N ALA A 30 -27.25 -35.26 -11.72
CA ALA A 30 -27.66 -34.16 -12.56
C ALA A 30 -27.28 -34.39 -14.03
N LEU A 31 -26.05 -34.86 -14.27
CA LEU A 31 -25.54 -35.05 -15.64
C LEU A 31 -26.05 -36.29 -16.37
N SER A 33 -24.51 -38.51 -18.88
CA SER A 33 -23.20 -39.02 -19.38
C SER A 33 -22.21 -38.94 -18.20
N SER A 34 -21.21 -39.83 -18.17
CA SER A 34 -20.20 -39.77 -17.10
C SER A 34 -18.94 -39.06 -17.58
N THR A 35 -19.15 -38.05 -18.43
CA THR A 35 -18.11 -37.10 -18.82
C THR A 35 -17.60 -36.32 -17.59
N ALA A 36 -16.69 -36.95 -16.84
CA ALA A 36 -15.83 -36.26 -15.89
C ALA A 36 -14.75 -35.74 -16.83
N THR A 37 -14.87 -34.47 -17.21
CA THR A 37 -14.47 -34.08 -18.58
C THR A 37 -13.03 -33.57 -18.87
N ASP A 38 -12.60 -32.51 -18.18
CA ASP A 38 -11.27 -31.85 -18.39
C ASP A 38 -11.32 -30.36 -18.06
N VAL A 39 -11.72 -29.54 -19.04
CA VAL A 39 -11.99 -28.11 -18.79
C VAL A 39 -13.43 -27.90 -18.26
N PHE A 40 -14.09 -29.00 -17.85
CA PHE A 40 -15.46 -28.98 -17.28
C PHE A 40 -15.57 -29.37 -15.78
N TRP A 41 -14.71 -30.27 -15.32
CA TRP A 41 -14.38 -30.26 -13.91
C TRP A 41 -13.56 -28.98 -13.66
N ALA A 42 -12.91 -28.46 -14.70
CA ALA A 42 -12.25 -27.14 -14.64
C ALA A 42 -13.24 -25.99 -14.83
N LYS A 43 -14.29 -26.20 -15.62
CA LYS A 43 -15.43 -25.29 -15.63
C LYS A 43 -15.84 -25.11 -14.18
N TYR A 44 -15.75 -26.19 -13.42
CA TYR A 44 -15.81 -26.05 -11.97
C TYR A 44 -14.45 -25.56 -11.40
N THR A 45 -13.43 -26.42 -11.36
CA THR A 45 -12.21 -26.18 -10.53
C THR A 45 -11.30 -24.99 -10.85
N ALA A 46 -11.35 -24.48 -12.08
CA ALA A 46 -10.69 -23.19 -12.38
C ALA A 46 -11.58 -22.02 -11.94
N CYS A 47 -12.86 -22.32 -11.75
CA CYS A 47 -13.84 -21.35 -11.22
C CYS A 47 -13.91 -21.28 -9.68
N GLU A 48 -13.10 -22.10 -8.97
CA GLU A 48 -13.10 -22.09 -7.50
C GLU A 48 -12.55 -20.79 -6.89
N THR A 49 -11.58 -20.16 -7.56
CA THR A 49 -11.13 -18.81 -7.20
C THR A 49 -12.31 -17.82 -7.22
N ALA A 50 -13.51 -18.36 -7.44
CA ALA A 50 -14.79 -17.65 -7.28
C ALA A 50 -15.79 -18.54 -6.52
N ARG A 51 -16.60 -17.92 -5.68
CA ARG A 51 -17.38 -18.64 -4.67
C ARG A 51 -18.49 -17.76 -4.08
N THR A 52 -18.60 -16.51 -4.52
CA THR A 52 -19.71 -15.68 -4.10
C THR A 52 -21.01 -16.02 -4.90
N PRO A 53 -21.96 -15.08 -5.10
CA PRO A 53 -23.35 -15.55 -5.14
C PRO A 53 -23.72 -16.40 -6.34
N ARG A 54 -25.03 -16.67 -6.50
CA ARG A 54 -25.56 -17.43 -7.65
C ARG A 54 -24.84 -17.05 -8.95
N ASP A 55 -24.53 -15.76 -9.05
CA ASP A 55 -23.96 -15.19 -10.27
C ASP A 55 -22.47 -15.44 -10.46
N LYS A 56 -21.63 -15.15 -9.45
CA LYS A 56 -20.17 -15.20 -9.67
C LYS A 56 -19.75 -16.53 -10.25
N LEU A 57 -20.53 -17.56 -10.00
CA LEU A 57 -20.24 -18.84 -10.63
C LEU A 57 -20.85 -18.94 -12.02
N ALA A 58 -22.11 -18.53 -12.17
CA ALA A 58 -22.80 -18.53 -13.49
C ALA A 58 -22.09 -17.64 -14.51
N ALA A 59 -21.68 -16.45 -14.04
CA ALA A 59 -20.82 -15.56 -14.79
C ALA A 59 -19.52 -16.26 -15.16
N CYS A 60 -18.93 -16.98 -14.20
CA CYS A 60 -17.68 -17.71 -14.44
C CYS A 60 -17.89 -18.89 -15.37
N LEU A 61 -18.91 -19.70 -15.08
CA LEU A 61 -19.14 -20.97 -15.76
C LEU A 61 -19.65 -20.78 -17.19
N GLU A 62 -20.51 -19.77 -17.38
CA GLU A 62 -20.86 -19.30 -18.72
C GLU A 62 -19.82 -18.23 -19.09
N GLY A 63 -18.71 -18.69 -19.71
CA GLY A 63 -17.41 -17.98 -19.79
C GLY A 63 -17.39 -16.52 -20.20
N ASN A 64 -17.92 -15.66 -19.35
CA ASN A 64 -18.16 -14.28 -19.72
C ASN A 64 -17.23 -13.28 -19.04
N CYS A 65 -16.70 -13.65 -17.87
CA CYS A 65 -15.64 -12.87 -17.23
C CYS A 65 -14.48 -13.77 -16.88
N ALA A 66 -13.32 -13.16 -16.67
CA ALA A 66 -12.09 -13.92 -16.45
C ALA A 66 -11.96 -14.34 -15.01
N GLU A 67 -11.56 -15.58 -14.78
CA GLU A 67 -11.28 -16.03 -13.40
C GLU A 67 -9.83 -16.05 -12.98
N GLY A 68 -9.55 -15.11 -12.07
CA GLY A 68 -8.21 -14.66 -11.78
C GLY A 68 -7.59 -14.28 -13.11
N LEU A 69 -6.59 -15.05 -13.51
CA LEU A 69 -6.02 -14.92 -14.84
C LEU A 69 -6.56 -16.13 -15.61
N GLY A 70 -7.70 -15.87 -16.22
CA GLY A 70 -8.76 -16.84 -16.41
C GLY A 70 -8.78 -17.58 -17.70
N THR A 71 -8.21 -18.78 -17.65
CA THR A 71 -8.34 -19.74 -18.73
C THR A 71 -9.72 -20.39 -18.68
N ASN A 72 -10.66 -19.71 -18.05
CA ASN A 72 -12.04 -20.11 -18.10
C ASN A 72 -12.70 -19.41 -19.26
N TYR A 73 -12.06 -18.33 -19.73
CA TYR A 73 -12.72 -17.39 -20.65
C TYR A 73 -13.07 -18.02 -21.98
N ARG A 74 -14.34 -17.83 -22.35
CA ARG A 74 -14.91 -18.24 -23.62
C ARG A 74 -15.90 -17.16 -24.11
N GLY A 75 -15.49 -15.89 -24.10
CA GLY A 75 -16.35 -14.77 -24.54
C GLY A 75 -16.10 -14.38 -25.99
N HIS A 76 -16.42 -13.14 -26.40
CA HIS A 76 -16.08 -12.67 -27.77
C HIS A 76 -15.37 -11.30 -27.86
N VAL A 77 -14.24 -11.12 -27.17
CA VAL A 77 -13.51 -9.83 -27.25
C VAL A 77 -12.43 -9.87 -28.32
N ASN A 78 -12.81 -9.68 -29.57
CA ASN A 78 -11.85 -9.71 -30.67
C ASN A 78 -11.09 -8.38 -30.81
N ILE A 79 -10.21 -8.11 -29.85
CA ILE A 79 -9.41 -6.86 -29.78
C ILE A 79 -8.26 -6.91 -28.72
N THR A 80 -7.39 -5.91 -28.67
CA THR A 80 -6.35 -5.89 -27.63
C THR A 80 -6.53 -4.84 -26.54
N ARG A 81 -5.61 -4.89 -25.56
CA ARG A 81 -5.50 -3.91 -24.50
C ARG A 81 -5.47 -2.49 -25.09
N SER A 82 -4.62 -2.28 -26.09
CA SER A 82 -4.62 -1.02 -26.82
C SER A 82 -5.91 -1.00 -27.61
N GLY A 83 -6.08 -1.98 -28.50
CA GLY A 83 -7.29 -2.09 -29.32
C GLY A 83 -7.05 -2.60 -30.73
N ILE A 84 -6.05 -3.46 -30.88
CA ILE A 84 -5.69 -4.08 -32.16
C ILE A 84 -6.64 -5.21 -32.50
N GLU A 85 -7.14 -5.20 -33.74
CA GLU A 85 -7.97 -6.28 -34.25
C GLU A 85 -7.31 -7.62 -33.95
N CYS A 86 -8.09 -8.57 -33.46
CA CYS A 86 -7.56 -9.89 -33.16
C CYS A 86 -7.37 -10.76 -34.41
N GLN A 87 -6.23 -11.45 -34.47
CA GLN A 87 -5.99 -12.40 -35.56
C GLN A 87 -6.67 -13.70 -35.29
N LEU A 88 -7.27 -14.25 -36.34
CA LEU A 88 -7.96 -15.53 -36.27
C LEU A 88 -7.02 -16.62 -35.84
N TRP A 89 -7.51 -17.51 -34.98
CA TRP A 89 -6.76 -18.65 -34.52
C TRP A 89 -6.37 -19.55 -35.69
N ARG A 90 -7.31 -19.72 -36.62
CA ARG A 90 -7.11 -20.61 -37.77
C ARG A 90 -6.06 -20.14 -38.77
N SER A 91 -5.63 -18.89 -38.62
CA SER A 91 -4.75 -18.25 -39.58
C SER A 91 -3.25 -18.45 -39.35
N ARG A 92 -2.44 -18.03 -40.31
CA ARG A 92 -1.00 -17.86 -40.11
C ARG A 92 -0.48 -16.48 -40.61
N TYR A 93 -1.38 -15.59 -41.03
CA TYR A 93 -1.00 -14.19 -41.36
C TYR A 93 -1.61 -13.24 -40.35
N PRO A 94 -0.80 -12.34 -39.77
CA PRO A 94 0.65 -12.18 -39.95
C PRO A 94 1.55 -13.16 -39.19
N HIS A 95 1.00 -13.87 -38.21
CA HIS A 95 1.82 -14.70 -37.36
C HIS A 95 1.37 -16.15 -37.40
N LYS A 96 2.32 -17.04 -37.71
CA LYS A 96 2.08 -18.49 -37.74
C LYS A 96 2.14 -18.98 -36.31
N PRO A 97 1.00 -19.50 -35.80
CA PRO A 97 0.85 -19.87 -34.38
C PRO A 97 1.71 -21.08 -33.94
N GLU A 98 2.18 -21.01 -32.69
CA GLU A 98 2.89 -22.11 -32.05
C GLU A 98 1.82 -22.93 -31.40
N ILE A 99 0.74 -22.26 -31.03
CA ILE A 99 -0.31 -22.89 -30.26
C ILE A 99 -1.64 -22.94 -31.01
N ASN A 100 -1.79 -23.92 -31.91
CA ASN A 100 -3.02 -24.11 -32.69
C ASN A 100 -4.10 -24.81 -31.89
N SER A 101 -5.19 -25.20 -32.55
CA SER A 101 -6.32 -25.86 -31.86
C SER A 101 -6.21 -27.38 -31.77
N THR A 102 -5.02 -27.85 -31.39
CA THR A 102 -4.72 -29.27 -31.17
C THR A 102 -3.73 -29.39 -30.00
N THR A 103 -2.76 -28.47 -29.98
CA THR A 103 -1.84 -28.29 -28.86
C THR A 103 -2.60 -28.04 -27.56
N HIS A 104 -3.72 -27.33 -27.69
CA HIS A 104 -4.45 -26.84 -26.54
C HIS A 104 -5.96 -27.02 -26.66
N PRO A 105 -6.43 -28.23 -27.03
CA PRO A 105 -7.83 -28.39 -27.40
C PRO A 105 -8.75 -28.39 -26.19
N GLY A 106 -8.15 -28.39 -24.99
CA GLY A 106 -8.87 -28.04 -23.76
C GLY A 106 -9.51 -26.67 -23.91
N ALA A 107 -8.76 -25.70 -24.44
CA ALA A 107 -9.21 -24.29 -24.57
C ALA A 107 -10.02 -23.98 -25.86
N ASP A 108 -10.94 -23.00 -25.76
CA ASP A 108 -11.85 -22.63 -26.87
C ASP A 108 -11.21 -21.71 -27.92
N LEU A 109 -10.24 -22.24 -28.65
CA LEU A 109 -9.39 -21.46 -29.53
C LEU A 109 -9.95 -21.36 -30.92
N GLN A 110 -11.08 -20.71 -31.08
CA GLN A 110 -11.60 -20.59 -32.43
C GLN A 110 -12.13 -19.22 -32.77
N GLU A 111 -12.20 -18.94 -34.07
CA GLU A 111 -12.33 -17.58 -34.62
C GLU A 111 -11.13 -16.75 -34.19
N ASN A 112 -11.40 -15.58 -33.63
CA ASN A 112 -10.33 -14.77 -33.07
C ASN A 112 -10.77 -14.20 -31.73
N PHE A 113 -11.08 -15.09 -30.79
CA PHE A 113 -11.52 -14.61 -29.48
C PHE A 113 -10.42 -14.82 -28.48
N CYS A 114 -10.21 -13.81 -27.63
CA CYS A 114 -9.17 -13.89 -26.62
C CYS A 114 -9.36 -15.11 -25.77
N ARG A 115 -8.30 -15.87 -25.63
CA ARG A 115 -8.31 -17.05 -24.83
C ARG A 115 -7.00 -17.02 -24.09
N ASN A 116 -6.84 -17.94 -23.13
CA ASN A 116 -5.61 -18.06 -22.33
C ASN A 116 -5.04 -19.50 -22.20
N PRO A 117 -4.84 -20.18 -23.34
CA PRO A 117 -4.44 -21.59 -23.35
C PRO A 117 -3.20 -21.88 -22.53
N ASP A 118 -2.15 -21.10 -22.72
CA ASP A 118 -0.86 -21.28 -22.06
C ASP A 118 -0.85 -20.70 -20.64
N SER A 119 -1.95 -20.01 -20.29
CA SER A 119 -2.08 -19.21 -19.06
C SER A 119 -1.02 -18.13 -18.97
N SER A 120 -1.32 -16.97 -19.52
CA SER A 120 -0.46 -15.82 -19.33
C SER A 120 -0.77 -15.34 -17.96
N THR A 121 0.26 -14.90 -17.24
CA THR A 121 0.00 -14.22 -15.97
C THR A 121 -0.69 -12.87 -16.26
N THR A 122 -0.85 -12.56 -17.55
CA THR A 122 -1.66 -11.42 -17.96
C THR A 122 -3.03 -11.92 -18.43
N GLY A 123 -3.19 -13.24 -18.38
CA GLY A 123 -4.46 -13.88 -18.66
C GLY A 123 -4.85 -13.82 -20.12
N PRO A 124 -6.15 -13.70 -20.39
CA PRO A 124 -6.78 -13.77 -21.71
C PRO A 124 -6.20 -12.74 -22.69
N TRP A 125 -5.91 -13.22 -23.88
CA TRP A 125 -5.05 -12.51 -24.82
C TRP A 125 -5.45 -13.00 -26.21
N CYS A 126 -4.76 -12.55 -27.25
CA CYS A 126 -4.96 -13.08 -28.61
C CYS A 126 -3.77 -12.80 -29.57
N TYR A 127 -3.82 -13.38 -30.75
CA TYR A 127 -2.85 -13.04 -31.78
C TYR A 127 -3.20 -11.74 -32.43
N THR A 128 -2.18 -10.97 -32.80
CA THR A 128 -2.35 -9.61 -33.30
C THR A 128 -2.12 -9.41 -34.81
N THR A 129 -3.06 -8.76 -35.48
CA THR A 129 -2.91 -8.45 -36.91
C THR A 129 -1.84 -7.43 -37.22
N ASP A 130 -1.33 -6.80 -36.25
CA ASP A 130 -0.26 -5.79 -36.30
C ASP A 130 1.06 -6.55 -36.25
N PRO A 131 1.61 -6.88 -37.45
CA PRO A 131 2.62 -7.91 -37.67
C PRO A 131 3.90 -7.75 -36.84
N THR A 132 3.99 -6.62 -36.14
CA THR A 132 5.12 -6.30 -35.29
C THR A 132 4.82 -6.78 -33.88
N VAL A 133 3.54 -7.07 -33.65
CA VAL A 133 3.02 -7.45 -32.36
C VAL A 133 2.62 -8.91 -32.43
N ARG A 134 3.34 -9.80 -31.77
CA ARG A 134 2.98 -11.20 -31.92
C ARG A 134 1.71 -11.60 -31.16
N ARG A 135 1.76 -11.42 -29.84
CA ARG A 135 0.64 -11.75 -28.96
C ARG A 135 0.38 -10.51 -28.13
N GLN A 136 -0.82 -10.41 -27.54
CA GLN A 136 -1.09 -9.35 -26.56
C GLN A 136 -2.31 -9.57 -25.68
N GLU A 137 -2.22 -9.13 -24.44
CA GLU A 137 -3.27 -9.32 -23.46
C GLU A 137 -4.53 -8.55 -23.84
N CYS A 138 -5.70 -9.06 -23.44
CA CYS A 138 -6.97 -8.40 -23.74
C CYS A 138 -7.68 -7.87 -22.49
N SER A 139 -8.31 -6.70 -22.65
CA SER A 139 -8.98 -6.04 -21.54
C SER A 139 -10.36 -6.61 -21.35
N ILE A 140 -10.44 -7.67 -20.57
CA ILE A 140 -11.72 -8.22 -20.15
C ILE A 140 -12.02 -7.76 -18.72
N PRO A 141 -13.18 -7.07 -18.52
CA PRO A 141 -13.91 -7.01 -17.25
C PRO A 141 -13.99 -8.36 -16.53
N VAL A 142 -13.54 -8.36 -15.27
CA VAL A 142 -13.36 -9.57 -14.48
C VAL A 142 -14.54 -9.77 -13.53
N CYS A 143 -14.68 -11.00 -13.04
CA CYS A 143 -15.90 -11.44 -12.41
C CYS A 143 -16.38 -10.62 -11.25
N GLY A 144 -17.62 -10.15 -11.38
CA GLY A 144 -18.27 -9.30 -10.39
C GLY A 144 -17.34 -8.17 -9.96
N GLN A 145 -16.65 -7.58 -10.93
CA GLN A 145 -15.83 -6.43 -10.66
C GLN A 145 -16.71 -5.45 -9.90
N GLU A 146 -18.02 -5.63 -10.02
CA GLU A 146 -19.02 -4.74 -9.40
C GLU A 146 -19.40 -5.18 -7.99
N GLN A 147 -18.61 -6.10 -7.42
CA GLN A 147 -18.94 -6.69 -6.10
C GLN A 147 -18.41 -5.97 -4.85
N CYS A 148 -17.10 -5.69 -4.76
CA CYS A 148 -16.63 -4.85 -3.66
C CYS A 148 -16.55 -5.74 -2.42
N VAL A 149 -15.39 -6.32 -2.17
CA VAL A 149 -15.16 -7.04 -0.93
C VAL A 149 -14.94 -6.06 0.23
N PRO A 150 -15.73 -6.19 1.30
CA PRO A 150 -15.67 -5.19 2.35
C PRO A 150 -14.96 -5.64 3.63
N ASP A 151 -14.70 -4.66 4.51
CA ASP A 151 -14.14 -4.87 5.86
C ASP A 151 -12.78 -5.52 5.82
N ARG A 152 -12.01 -5.12 4.81
CA ARG A 152 -10.73 -5.73 4.46
C ARG A 152 -10.86 -7.26 4.45
N GLY A 153 -12.10 -7.72 4.30
CA GLY A 153 -12.38 -9.13 4.09
C GLY A 153 -12.20 -9.96 5.32
N GLN A 154 -12.57 -9.38 6.46
CA GLN A 154 -12.63 -10.11 7.71
C GLN A 154 -13.59 -11.29 7.47
N GLN A 155 -14.74 -10.94 6.88
CA GLN A 155 -15.77 -11.91 6.55
C GLN A 155 -15.32 -12.90 5.52
N TYR A 156 -14.34 -12.54 4.69
CA TYR A 156 -14.02 -13.32 3.48
C TYR A 156 -13.96 -14.83 3.71
N GLN A 157 -14.73 -15.60 2.95
CA GLN A 157 -14.68 -17.07 3.05
C GLN A 157 -13.96 -17.80 1.91
N GLY A 158 -13.96 -17.22 0.70
CA GLY A 158 -13.42 -17.83 -0.54
C GLY A 158 -12.00 -18.36 -0.46
N ARG A 159 -11.40 -18.68 -1.61
CA ARG A 159 -10.16 -19.47 -1.55
C ARG A 159 -8.94 -19.08 -2.40
N LEU A 160 -8.54 -17.82 -2.37
CA LEU A 160 -7.30 -17.44 -3.06
C LEU A 160 -6.12 -17.94 -2.25
N ALA A 161 -5.12 -18.50 -2.92
CA ALA A 161 -3.92 -19.04 -2.24
C ALA A 161 -2.58 -18.44 -2.69
N VAL A 162 -2.61 -17.38 -3.50
CA VAL A 162 -1.40 -16.65 -3.89
C VAL A 162 -1.55 -15.14 -3.71
N THR A 163 -0.44 -14.46 -3.50
CA THR A 163 -0.43 -13.01 -3.17
C THR A 163 -0.43 -12.08 -4.39
N THR A 164 -0.37 -10.78 -4.14
CA THR A 164 -0.17 -9.81 -5.21
C THR A 164 1.06 -10.28 -5.96
N HIS A 165 2.19 -10.37 -5.27
CA HIS A 165 3.43 -10.84 -5.89
C HIS A 165 3.38 -12.29 -6.42
N GLY A 166 2.20 -12.92 -6.41
CA GLY A 166 2.03 -14.30 -6.88
C GLY A 166 2.92 -15.35 -6.20
N LEU A 167 2.81 -15.47 -4.89
CA LEU A 167 3.48 -16.53 -4.16
C LEU A 167 2.43 -17.41 -3.54
N PRO A 168 2.77 -18.67 -3.24
CA PRO A 168 1.72 -19.55 -2.69
C PRO A 168 1.61 -19.48 -1.15
N CYS A 169 0.51 -18.93 -0.66
CA CYS A 169 0.27 -18.89 0.77
C CYS A 169 0.46 -20.29 1.34
N LEU A 170 1.40 -20.43 2.26
CA LEU A 170 1.54 -21.67 3.03
C LEU A 170 0.30 -21.80 3.87
N ALA A 171 -0.04 -23.03 4.23
CA ALA A 171 -1.23 -23.26 4.98
C ALA A 171 -0.95 -22.90 6.40
N TRP A 172 -1.86 -22.16 7.00
CA TRP A 172 -1.76 -21.80 8.40
C TRP A 172 -1.31 -23.00 9.22
N ALA A 173 -1.90 -24.14 8.89
CA ALA A 173 -1.51 -25.49 9.28
C ALA A 173 -0.16 -25.76 9.96
N SER A 174 0.95 -25.39 9.28
CA SER A 174 2.32 -25.94 9.50
C SER A 174 2.88 -26.01 10.94
N ALA A 175 3.96 -26.78 11.11
CA ALA A 175 4.60 -26.93 12.41
C ALA A 175 5.30 -25.63 12.87
N GLN A 176 5.40 -24.66 11.96
CA GLN A 176 5.96 -23.34 12.26
C GLN A 176 4.90 -22.23 12.19
N ALA A 177 4.04 -22.24 11.17
CA ALA A 177 2.98 -21.26 11.04
C ALA A 177 1.97 -21.36 12.19
N LYS A 178 1.70 -22.60 12.66
CA LYS A 178 0.85 -22.83 13.85
C LYS A 178 1.70 -22.94 15.10
N ALA A 179 2.51 -24.01 15.16
CA ALA A 179 3.24 -24.41 16.38
C ALA A 179 4.66 -23.81 16.57
N LEU A 180 5.00 -22.76 15.79
CA LEU A 180 6.19 -21.88 16.03
C LEU A 180 5.92 -20.40 15.66
N SER A 181 4.69 -20.12 15.22
CA SER A 181 4.17 -18.77 15.03
C SER A 181 2.91 -18.67 15.92
N LYS A 182 2.87 -19.59 16.90
CA LYS A 182 1.89 -19.64 17.99
C LYS A 182 2.03 -18.39 18.88
N HIS A 183 3.28 -17.92 19.01
CA HIS A 183 3.67 -16.65 19.69
C HIS A 183 2.64 -15.51 19.49
N GLN A 184 2.22 -15.31 18.24
CA GLN A 184 1.08 -14.44 17.94
C GLN A 184 -0.20 -15.25 17.64
N ASP A 185 -1.28 -14.89 18.34
CA ASP A 185 -2.60 -15.51 18.18
C ASP A 185 -3.64 -14.46 17.73
N PHE A 186 -4.79 -14.94 17.27
CA PHE A 186 -5.63 -14.17 16.31
C PHE A 186 -7.10 -14.00 16.73
N ASN A 187 -7.94 -13.50 15.82
CA ASN A 187 -9.38 -13.46 16.08
C ASN A 187 -10.01 -14.77 15.62
N SER A 188 -10.48 -15.54 16.58
CA SER A 188 -10.92 -16.91 16.35
C SER A 188 -12.25 -17.07 15.59
N ALA A 189 -12.93 -15.95 15.33
CA ALA A 189 -14.11 -15.97 14.45
C ALA A 189 -13.74 -16.33 12.99
N VAL A 190 -12.56 -15.89 12.56
CA VAL A 190 -12.08 -16.08 11.19
C VAL A 190 -11.51 -17.48 10.99
N GLN A 191 -12.30 -18.29 10.30
CA GLN A 191 -11.96 -19.65 10.05
C GLN A 191 -10.72 -19.76 9.15
N LEU A 192 -9.59 -20.17 9.68
CA LEU A 192 -8.44 -20.39 8.82
C LEU A 192 -8.53 -21.75 8.11
N VAL A 193 -8.74 -21.75 6.80
CA VAL A 193 -8.90 -22.98 6.03
C VAL A 193 -7.67 -23.25 5.20
N GLU A 194 -7.00 -24.37 5.46
CA GLU A 194 -5.79 -24.74 4.73
C GLU A 194 -4.82 -23.60 4.62
N ASN A 195 -4.77 -22.99 3.43
CA ASN A 195 -3.85 -21.92 3.08
C ASN A 195 -4.54 -20.86 2.22
N PHE A 196 -5.77 -20.50 2.57
CA PHE A 196 -6.52 -19.49 1.83
C PHE A 196 -6.40 -18.19 2.56
N CYS A 197 -6.34 -17.10 1.81
CA CYS A 197 -6.08 -15.78 2.38
C CYS A 197 -7.13 -15.39 3.36
N ARG A 198 -6.64 -14.93 4.51
CA ARG A 198 -7.49 -14.49 5.56
C ARG A 198 -6.97 -13.21 6.19
N ASN A 199 -7.81 -12.58 7.01
CA ASN A 199 -7.40 -11.41 7.75
C ASN A 199 -7.68 -11.61 9.25
N PRO A 200 -6.95 -12.56 9.87
CA PRO A 200 -7.17 -12.86 11.25
C PRO A 200 -6.93 -11.65 12.19
N ASP A 201 -5.69 -11.15 12.26
CA ASP A 201 -5.29 -10.07 13.17
C ASP A 201 -5.85 -8.70 12.76
N GLY A 202 -7.03 -8.71 12.14
CA GLY A 202 -7.75 -7.49 11.81
C GLY A 202 -6.95 -6.44 11.10
N ASP A 203 -5.91 -6.82 10.36
CA ASP A 203 -5.05 -5.88 9.61
C ASP A 203 -5.86 -4.92 8.73
N GLU A 204 -5.37 -3.71 8.52
CA GLU A 204 -6.15 -2.69 7.80
C GLU A 204 -5.83 -2.59 6.30
N GLU A 205 -4.94 -3.46 5.84
CA GLU A 205 -4.33 -3.32 4.54
C GLU A 205 -4.82 -4.45 3.67
N GLY A 206 -5.60 -5.32 4.30
CA GLY A 206 -6.29 -6.39 3.59
C GLY A 206 -5.86 -7.76 4.01
N VAL A 207 -6.29 -8.79 3.28
CA VAL A 207 -5.98 -10.16 3.67
C VAL A 207 -4.55 -10.48 3.32
N TRP A 208 -4.08 -11.59 3.88
CA TRP A 208 -2.72 -12.01 3.73
C TRP A 208 -2.57 -13.48 4.07
N CYS A 209 -1.33 -13.92 4.23
CA CYS A 209 -1.03 -15.32 4.46
C CYS A 209 0.46 -15.43 4.56
N TYR A 210 0.95 -16.43 5.26
CA TYR A 210 2.40 -16.65 5.32
C TYR A 210 2.96 -17.17 4.00
N VAL A 211 4.23 -16.89 3.75
CA VAL A 211 4.85 -17.38 2.52
C VAL A 211 6.25 -17.98 2.77
N ALA A 212 6.84 -18.46 1.68
CA ALA A 212 8.15 -19.08 1.71
C ALA A 212 9.25 -18.05 1.77
N GLY A 213 10.45 -18.51 2.08
CA GLY A 213 11.60 -17.65 2.32
C GLY A 213 11.86 -17.62 3.82
N LYS A 214 12.46 -16.52 4.28
CA LYS A 214 12.66 -16.27 5.71
C LYS A 214 11.45 -16.74 6.54
N PRO A 215 11.70 -17.18 7.80
CA PRO A 215 10.60 -17.55 8.69
C PRO A 215 9.66 -16.35 8.93
N GLY A 216 8.36 -16.63 9.01
CA GLY A 216 7.39 -15.57 9.16
C GLY A 216 7.22 -14.66 7.95
N ASP A 217 7.98 -14.90 6.88
CA ASP A 217 7.71 -14.21 5.61
C ASP A 217 6.19 -14.23 5.33
N PHE A 218 5.73 -13.39 4.42
CA PHE A 218 4.30 -13.31 4.16
C PHE A 218 3.97 -12.25 3.11
N GLY A 219 2.69 -12.14 2.74
CA GLY A 219 2.22 -11.13 1.79
C GLY A 219 0.70 -11.04 1.72
N TYR A 220 0.21 -9.95 1.13
CA TYR A 220 -1.24 -9.66 1.04
C TYR A 220 -1.78 -10.03 -0.33
N CYS A 221 -2.81 -10.86 -0.35
CA CYS A 221 -3.41 -11.37 -1.58
C CYS A 221 -4.29 -10.32 -2.17
N ASP A 222 -4.49 -10.42 -3.48
CA ASP A 222 -5.19 -9.38 -4.23
C ASP A 222 -6.69 -9.61 -4.10
N LEU A 223 -7.43 -8.60 -3.66
CA LEU A 223 -8.89 -8.64 -3.63
C LEU A 223 -9.35 -7.23 -3.77
N ASN A 224 -10.57 -7.06 -4.23
CA ASN A 224 -11.05 -5.76 -4.65
C ASN A 224 -11.82 -4.99 -3.56
N TYR A 225 -11.09 -4.52 -2.53
CA TYR A 225 -11.71 -3.96 -1.31
C TYR A 225 -12.62 -2.75 -1.54
N CYS A 226 -13.66 -2.64 -0.72
CA CYS A 226 -14.58 -1.50 -0.79
C CYS A 226 -13.87 -0.23 -0.43
N GLU A 227 -14.50 0.91 -0.71
CA GLU A 227 -13.82 2.19 -0.49
C GLU A 227 -14.21 2.74 0.88
N GLU A 228 -13.47 2.30 1.90
CA GLU A 228 -13.83 2.61 3.27
C GLU A 228 -12.87 3.64 3.86
N ALA A 229 -13.22 4.90 3.70
CA ALA A 229 -12.34 5.99 4.08
C ALA A 229 -12.50 6.32 5.54
N VAL A 230 -11.36 6.52 6.21
CA VAL A 230 -11.36 6.84 7.63
C VAL A 230 -11.91 8.25 7.84
N GLU A 231 -11.61 9.16 6.92
CA GLU A 231 -12.05 10.55 7.05
C GLU A 231 -13.56 10.64 7.13
N GLU A 232 -14.28 9.61 6.66
CA GLU A 232 -15.73 9.61 6.82
C GLU A 232 -16.23 9.00 8.14
N GLU A 233 -15.35 8.38 8.93
CA GLU A 233 -15.71 7.87 10.29
C GLU A 233 -16.12 9.01 11.23
N THR A 252 -9.14 8.61 22.73
CA THR A 252 -8.79 8.07 24.06
C THR A 252 -8.26 9.21 24.98
N SER A 253 -8.29 8.96 26.30
CA SER A 253 -7.89 9.95 27.31
C SER A 253 -6.38 10.13 27.42
N GLU A 254 -5.62 9.04 27.30
CA GLU A 254 -4.17 9.09 26.98
C GLU A 254 -3.60 7.80 26.27
N TYR A 255 -2.27 7.64 26.29
CA TYR A 255 -1.57 6.68 25.44
C TYR A 255 -1.26 5.33 26.09
N GLN A 256 -1.78 4.29 25.43
CA GLN A 256 -1.55 2.88 25.73
C GLN A 256 -0.70 2.34 24.58
N THR A 257 0.31 1.52 24.93
CA THR A 257 1.35 1.07 23.97
C THR A 257 0.91 -0.12 23.13
N PHE A 258 1.30 -0.13 21.86
CA PHE A 258 0.79 -1.09 20.88
C PHE A 258 1.75 -2.24 20.52
N PHE A 259 3.04 -1.95 20.38
CA PHE A 259 3.98 -2.93 19.88
C PHE A 259 4.84 -3.59 20.95
N ASN A 260 5.34 -4.78 20.61
CA ASN A 260 6.20 -5.53 21.49
C ASN A 260 7.61 -4.93 21.52
N PRO A 261 8.04 -4.42 22.69
CA PRO A 261 9.26 -3.64 22.82
C PRO A 261 10.53 -4.48 22.87
N ARG A 262 10.50 -5.65 22.23
CA ARG A 262 11.69 -6.48 22.13
C ARG A 262 12.15 -6.52 20.67
N THR A 263 11.31 -5.98 19.80
CA THR A 263 11.52 -6.06 18.38
C THR A 263 11.30 -4.68 17.81
N PHE A 264 10.58 -3.86 18.55
CA PHE A 264 10.35 -2.46 18.18
C PHE A 264 11.54 -1.61 18.67
N GLY A 265 12.06 -2.02 19.82
CA GLY A 265 12.97 -1.21 20.61
C GLY A 265 12.07 -0.47 21.56
N SER A 266 12.65 0.09 22.62
CA SER A 266 11.87 0.98 23.46
C SER A 266 11.73 2.30 22.70
N GLY A 267 11.02 3.24 23.30
CA GLY A 267 10.80 4.54 22.70
C GLY A 267 9.32 4.70 22.48
N GLU A 268 8.59 3.60 22.43
CA GLU A 268 7.18 3.68 22.14
C GLU A 268 6.34 4.36 23.21
N ALA A 269 6.18 3.70 24.35
CA ALA A 269 5.36 4.18 25.48
C ALA A 269 5.67 5.62 25.87
N ASP A 270 6.66 6.19 25.19
CA ASP A 270 7.05 7.57 25.38
C ASP A 270 7.45 8.24 24.06
N CYS A 271 6.51 8.28 23.11
CA CYS A 271 6.76 8.91 21.82
C CYS A 271 5.96 10.18 21.73
N GLY A 272 6.28 11.00 20.74
CA GLY A 272 5.43 12.10 20.41
C GLY A 272 5.36 13.18 21.46
N LEU A 273 5.97 12.96 22.63
CA LEU A 273 6.11 14.01 23.63
C LEU A 273 7.47 14.56 23.47
N ARG A 274 7.56 15.76 22.94
CA ARG A 274 8.85 16.32 22.58
C ARG A 274 9.71 16.64 23.79
N PRO A 275 11.02 16.39 23.65
CA PRO A 275 11.85 16.49 24.86
C PRO A 275 12.06 17.94 25.28
N LEU A 276 12.25 18.82 24.32
CA LEU A 276 12.45 20.22 24.59
C LEU A 276 11.18 21.07 24.48
N PHE A 277 9.99 20.44 24.56
CA PHE A 277 8.72 21.17 24.57
C PHE A 277 7.69 20.52 25.50
N GLU A 278 7.05 19.46 25.01
CA GLU A 278 6.02 18.78 25.76
C GLU A 278 6.52 18.23 27.10
N LYS A 279 7.84 18.21 27.29
CA LYS A 279 8.43 17.77 28.55
C LYS A 279 8.79 18.97 29.43
N LYS A 280 8.94 20.12 28.79
CA LYS A 280 9.27 21.36 29.45
C LYS A 280 8.07 22.28 29.61
N SER A 281 6.87 21.76 29.37
CA SER A 281 5.68 22.65 29.24
C SER A 281 5.99 23.96 28.48
N LEU A 282 6.68 23.83 27.34
CA LEU A 282 6.96 24.91 26.38
C LEU A 282 6.25 24.67 25.04
N GLU A 283 5.82 25.76 24.38
CA GLU A 283 5.03 25.65 23.13
C GLU A 283 5.81 26.16 21.94
N ASP A 284 5.71 25.47 20.80
CA ASP A 284 6.50 25.85 19.64
C ASP A 284 5.81 26.93 18.82
N LYS A 285 6.60 27.59 17.97
CA LYS A 285 6.20 28.87 17.35
C LYS A 285 4.96 28.85 16.48
N THR A 286 4.56 27.69 15.95
CA THR A 286 3.32 27.60 15.16
C THR A 286 2.37 26.49 15.61
N GLU A 287 2.66 25.90 16.77
CA GLU A 287 1.86 24.79 17.28
C GLU A 287 0.55 25.28 17.85
N ARG A 288 0.46 26.60 18.09
CA ARG A 288 -0.82 27.23 18.47
C ARG A 288 -1.78 27.16 17.30
N GLU A 289 -1.30 27.56 16.12
CA GLU A 289 -2.06 27.44 14.89
C GLU A 289 -2.73 26.08 14.64
N LEU A 290 -2.28 25.06 15.37
CA LEU A 290 -2.70 23.70 15.09
C LEU A 290 -3.84 23.26 15.97
N LEU A 291 -3.79 23.73 17.22
CA LEU A 291 -4.89 23.57 18.13
C LEU A 291 -6.04 24.36 17.54
N GLU A 292 -5.83 25.66 17.36
CA GLU A 292 -6.84 26.59 16.88
C GLU A 292 -7.08 26.38 15.39
N SER A 293 -7.55 25.17 15.06
CA SER A 293 -7.58 24.68 13.69
C SER A 293 -8.75 25.22 12.89
N TYR A 294 -9.76 25.70 13.59
CA TYR A 294 -10.97 26.19 12.94
C TYR A 294 -10.84 27.61 12.41
N ILE A 295 -10.08 28.43 13.12
CA ILE A 295 -10.07 29.87 12.86
C ILE A 295 -9.45 30.18 11.52
N ASP A 296 -10.14 31.01 10.74
CA ASP A 296 -9.71 31.39 9.39
C ASP A 296 -8.41 32.16 9.48
N GLY A 297 -7.31 31.43 9.63
CA GLY A 297 -5.98 32.02 9.81
C GLY A 297 -5.48 32.81 8.62
N ARG A 298 -4.45 33.61 8.89
CA ARG A 298 -3.92 34.56 7.92
C ARG A 298 -3.22 33.90 6.71
N ILE A 299 -2.66 32.71 6.97
CA ILE A 299 -1.86 31.86 6.02
C ILE A 299 -0.33 31.88 6.32
N VAL A 300 0.08 31.12 7.32
CA VAL A 300 1.47 31.17 7.78
C VAL A 300 2.34 30.32 6.89
N GLU A 301 3.39 30.92 6.34
CA GLU A 301 4.36 30.20 5.50
C GLU A 301 5.43 29.42 6.28
N GLY A 302 6.30 28.76 5.52
CA GLY A 302 7.40 28.01 6.07
C GLY A 302 8.47 28.86 6.72
N SER A 303 9.12 28.31 7.73
CA SER A 303 10.21 29.00 8.41
C SER A 303 11.23 28.03 8.99
N ASP A 304 12.46 28.51 9.19
CA ASP A 304 13.50 27.73 9.84
C ASP A 304 12.86 27.24 11.11
N ALA A 305 12.81 25.93 11.29
CA ALA A 305 12.18 25.37 12.48
C ALA A 305 12.93 25.79 13.72
N GLU A 306 12.34 25.59 14.89
CA GLU A 306 13.11 25.73 16.11
C GLU A 306 14.08 24.56 16.22
N ILE A 307 15.03 24.66 17.15
CA ILE A 307 15.86 23.51 17.50
C ILE A 307 14.93 22.45 18.11
N GLY A 308 15.17 21.19 17.78
CA GLY A 308 14.47 20.08 18.40
C GLY A 308 12.96 20.16 18.40
N MET A 309 12.41 20.66 17.29
CA MET A 309 10.97 20.90 17.10
C MET A 309 10.33 19.70 16.44
N SER A 310 11.03 19.10 15.50
CA SER A 310 10.62 17.82 14.99
C SER A 310 11.76 16.82 15.23
N PRO A 311 11.76 16.19 16.41
CA PRO A 311 12.87 15.35 16.79
C PRO A 311 12.78 13.90 16.27
N TRP A 312 11.76 13.58 15.49
CA TRP A 312 11.67 12.26 14.88
C TRP A 312 12.20 12.38 13.49
N GLN A 313 12.82 13.51 13.20
CA GLN A 313 13.22 13.73 11.84
C GLN A 313 14.44 12.89 11.46
N VAL A 314 14.37 12.29 10.27
CA VAL A 314 15.41 11.43 9.72
C VAL A 314 15.81 11.85 8.31
N MET A 315 17.11 11.87 8.05
CA MET A 315 17.62 12.05 6.70
C MET A 315 18.11 10.72 6.14
N LEU A 316 18.07 10.59 4.82
CA LEU A 316 18.43 9.33 4.25
C LEU A 316 19.47 9.61 3.23
N PHE A 317 20.72 9.34 3.61
CA PHE A 317 21.90 9.79 2.86
C PHE A 317 22.46 8.66 2.05
N ARG A 318 22.70 8.96 0.77
CA ARG A 318 23.35 8.04 -0.13
C ARG A 318 24.84 8.11 0.12
N LYS A 319 25.49 6.94 0.13
CA LYS A 319 26.87 6.78 0.61
C LYS A 319 27.89 7.44 -0.28
N SER A 320 28.11 6.87 -1.47
CA SER A 320 28.87 7.58 -2.48
C SER A 320 28.04 7.73 -3.75
N PRO A 321 28.00 8.95 -4.29
CA PRO A 321 28.58 10.09 -3.58
C PRO A 321 27.70 10.44 -2.39
N GLN A 322 28.15 11.35 -1.52
CA GLN A 322 27.21 11.99 -0.58
C GLN A 322 26.03 12.59 -1.34
N GLU A 323 24.82 12.31 -0.84
CA GLU A 323 23.61 12.81 -1.45
C GLU A 323 22.39 12.49 -0.63
N LEU A 324 21.52 13.50 -0.53
CA LEU A 324 20.31 13.43 0.27
C LEU A 324 19.16 13.01 -0.63
N LEU A 325 18.67 11.80 -0.39
CA LEU A 325 17.66 11.18 -1.22
C LEU A 325 16.22 11.54 -0.86
N CYS A 326 15.92 11.49 0.44
CA CYS A 326 14.56 11.47 0.94
C CYS A 326 14.51 11.85 2.42
N GLY A 327 13.33 12.15 2.92
CA GLY A 327 13.11 12.25 4.35
C GLY A 327 12.59 10.90 4.79
N ALA A 328 12.36 10.77 6.09
CA ALA A 328 11.94 9.54 6.71
C ALA A 328 11.64 9.92 8.13
N SER A 329 11.15 8.98 8.92
CA SER A 329 10.81 9.31 10.29
C SER A 329 11.20 8.20 11.20
N LEU A 330 11.29 8.53 12.49
CA LEU A 330 11.73 7.60 13.52
C LEU A 330 10.59 7.27 14.47
N ILE A 331 10.32 5.97 14.61
CA ILE A 331 9.18 5.49 15.39
C ILE A 331 9.59 4.72 16.66
N SER A 332 10.91 4.53 16.85
CA SER A 332 11.52 3.75 17.94
C SER A 332 13.04 3.91 17.83
N ASP A 333 13.81 3.16 18.64
CA ASP A 333 15.30 3.18 18.58
C ASP A 333 15.88 2.46 17.35
N ARG A 334 15.07 1.56 16.82
CA ARG A 334 15.53 0.66 15.78
C ARG A 334 14.99 1.11 14.45
N TRP A 335 13.69 1.46 14.44
CA TRP A 335 12.89 1.46 13.23
C TRP A 335 12.67 2.81 12.64
N VAL A 336 12.80 2.86 11.31
CA VAL A 336 12.69 4.10 10.56
C VAL A 336 11.75 3.94 9.38
N LEU A 337 10.78 4.84 9.32
CA LEU A 337 9.70 4.81 8.34
C LEU A 337 9.94 5.80 7.22
N THR A 338 9.76 5.36 5.98
CA THR A 338 9.79 6.27 4.84
C THR A 338 8.86 5.79 3.73
N ALA A 339 9.13 6.24 2.50
CA ALA A 339 8.38 5.82 1.32
C ALA A 339 9.12 4.78 0.46
N ALA A 340 8.33 3.88 -0.14
CA ALA A 340 8.83 2.89 -1.09
C ALA A 340 9.60 3.50 -2.27
N HIS A 341 8.99 4.45 -2.98
CA HIS A 341 9.58 5.10 -4.16
C HIS A 341 10.98 5.71 -3.89
N CYS A 342 11.22 6.03 -2.64
CA CYS A 342 12.50 6.51 -2.23
C CYS A 342 13.62 5.48 -2.37
N LEU A 343 13.30 4.20 -2.19
CA LEU A 343 14.32 3.17 -2.17
C LEU A 343 14.33 2.39 -3.46
N LEU A 344 13.21 2.41 -4.15
CA LEU A 344 13.04 1.56 -5.28
C LEU A 344 12.16 2.27 -6.27
N TYR A 345 12.72 2.46 -7.47
CA TYR A 345 12.00 3.11 -8.56
C TYR A 345 12.63 2.70 -9.88
N PRO A 346 12.09 1.65 -10.51
CA PRO A 346 12.56 1.26 -11.83
C PRO A 346 12.50 2.37 -12.86
N PRO A 347 11.51 3.28 -12.79
CA PRO A 347 11.63 4.35 -13.80
C PRO A 347 12.87 5.23 -13.71
N TRP A 348 13.40 5.52 -12.55
CA TRP A 348 14.66 6.26 -12.56
C TRP A 348 15.80 5.28 -12.35
N ASP A 349 15.53 4.03 -12.71
CA ASP A 349 16.50 2.95 -12.62
C ASP A 349 17.11 2.87 -11.21
N LYS A 350 16.25 2.79 -10.21
CA LYS A 350 16.63 2.99 -8.82
C LYS A 350 16.42 1.72 -8.02
N ASN A 351 17.50 1.17 -7.46
CA ASN A 351 17.50 -0.10 -6.70
C ASN A 351 18.55 -0.03 -5.57
N PHE A 352 18.35 0.88 -4.62
CA PHE A 352 19.27 1.06 -3.47
C PHE A 352 19.18 -0.10 -2.49
N THR A 353 20.28 -0.40 -1.79
CA THR A 353 20.30 -1.53 -0.84
C THR A 353 21.02 -1.21 0.45
N GLU A 354 20.79 -2.06 1.44
CA GLU A 354 21.17 -1.84 2.83
C GLU A 354 22.56 -1.23 3.09
N ASN A 355 23.47 -1.37 2.12
CA ASN A 355 24.85 -0.89 2.28
C ASN A 355 25.16 0.39 1.53
N ASP A 356 24.19 0.88 0.78
CA ASP A 356 24.37 2.12 0.03
C ASP A 356 23.85 3.29 0.86
N LEU A 357 23.20 2.97 1.98
CA LEU A 357 22.34 3.95 2.63
C LEU A 357 22.70 4.25 4.06
N LEU A 358 22.56 5.52 4.44
CA LEU A 358 22.83 5.94 5.81
C LEU A 358 21.77 6.88 6.30
N VAL A 359 21.32 6.72 7.55
CA VAL A 359 20.37 7.69 8.11
C VAL A 359 21.06 8.69 9.03
N ARG A 360 20.72 9.95 8.87
CA ARG A 360 21.24 10.96 9.73
C ARG A 360 20.06 11.28 10.58
N ILE A 361 20.07 10.84 11.83
CA ILE A 361 18.94 11.12 12.70
C ILE A 361 19.11 12.41 13.50
N GLY A 362 18.19 13.35 13.27
CA GLY A 362 18.01 14.52 14.12
C GLY A 362 18.98 15.62 13.78
N LYS A 363 19.14 15.85 12.48
CA LYS A 363 19.97 16.93 12.00
C LYS A 363 19.21 18.22 12.11
N HIS A 364 19.88 19.35 11.90
CA HIS A 364 19.18 20.62 11.75
C HIS A 364 19.55 21.40 10.47
N SER A 365 20.84 21.58 10.24
CA SER A 365 21.31 22.15 9.00
C SER A 365 21.11 21.14 7.87
N ARG A 366 21.03 21.64 6.64
CA ARG A 366 21.03 20.72 5.50
C ARG A 366 22.42 20.10 5.24
N THR A 367 23.49 20.84 5.51
CA THR A 367 24.85 20.37 5.19
C THR A 367 25.76 20.07 6.39
N ARG A 368 26.00 21.08 7.24
CA ARG A 368 26.95 20.97 8.36
C ARG A 368 26.88 19.63 9.08
N TYR A 369 27.99 19.20 9.67
CA TYR A 369 27.99 17.98 10.51
C TYR A 369 27.81 18.30 11.99
N GLU A 370 26.59 18.14 12.46
CA GLU A 370 26.23 18.60 13.77
C GLU A 370 26.71 17.61 14.82
N ARG A 371 28.04 17.51 14.93
CA ARG A 371 28.70 16.40 15.62
C ARG A 371 28.44 16.34 17.11
N ASN A 372 27.96 17.43 17.68
CA ASN A 372 27.52 17.44 19.05
C ASN A 372 26.22 16.64 19.10
N ILE A 373 25.54 16.56 17.96
CA ILE A 373 24.09 16.42 17.91
C ILE A 373 23.51 15.18 17.17
N GLU A 374 23.64 15.18 15.85
CA GLU A 374 23.02 14.19 15.00
C GLU A 374 23.80 12.91 15.03
N LYS A 375 23.11 11.78 14.92
CA LYS A 375 23.80 10.52 14.78
C LYS A 375 23.55 9.98 13.40
N ILE A 376 24.54 9.31 12.83
CA ILE A 376 24.39 8.73 11.50
C ILE A 376 24.48 7.23 11.60
N SER A 377 23.66 6.50 10.83
CA SER A 377 23.56 5.04 11.00
C SER A 377 23.55 4.16 9.72
N MET A 378 23.90 2.89 9.86
CA MET A 378 23.68 1.94 8.77
C MET A 378 22.47 1.09 9.11
N LEU A 379 21.79 0.65 8.05
CA LEU A 379 20.53 -0.10 8.17
C LEU A 379 20.78 -1.58 8.09
N GLU A 380 20.01 -2.31 8.87
CA GLU A 380 20.29 -3.70 9.06
C GLU A 380 19.45 -4.59 8.15
N LYS A 381 18.52 -3.96 7.43
CA LYS A 381 17.59 -4.58 6.46
C LYS A 381 16.49 -3.57 6.13
N ILE A 382 16.12 -3.52 4.86
CA ILE A 382 15.17 -2.56 4.32
C ILE A 382 13.90 -3.26 3.83
N TYR A 383 12.77 -3.04 4.48
CA TYR A 383 11.55 -3.67 4.03
C TYR A 383 10.69 -2.76 3.16
N ILE A 384 10.73 -3.00 1.86
CA ILE A 384 9.84 -2.35 0.92
C ILE A 384 8.48 -2.96 1.19
N HIS A 385 7.43 -2.17 1.03
CA HIS A 385 6.07 -2.60 1.35
C HIS A 385 5.51 -3.65 0.39
N PRO A 386 4.77 -4.63 0.91
CA PRO A 386 4.24 -5.77 0.22
C PRO A 386 3.34 -5.50 -0.98
N ARG A 387 2.36 -4.60 -0.85
CA ARG A 387 1.49 -4.29 -2.00
C ARG A 387 1.84 -2.94 -2.62
N TYR A 388 3.14 -2.70 -2.78
CA TYR A 388 3.67 -1.48 -3.40
C TYR A 388 3.81 -1.67 -4.87
N ASN A 389 3.28 -0.72 -5.63
CA ASN A 389 3.28 -0.76 -7.09
C ASN A 389 3.19 0.60 -7.78
N TRP A 390 4.02 0.78 -8.79
CA TRP A 390 4.25 2.08 -9.40
C TRP A 390 3.77 2.16 -10.84
N ARG A 391 3.65 0.97 -11.45
CA ARG A 391 3.39 0.78 -12.88
C ARG A 391 2.15 1.54 -13.32
N GLU A 392 1.14 1.46 -12.46
CA GLU A 392 0.04 2.38 -12.49
C GLU A 392 0.50 3.67 -11.81
N ASN A 393 0.27 3.76 -10.51
CA ASN A 393 0.39 5.04 -9.83
C ASN A 393 0.80 5.04 -8.37
N LEU A 394 2.10 4.79 -8.11
CA LEU A 394 2.62 4.93 -6.76
C LEU A 394 1.57 4.60 -5.74
N ASP A 395 1.03 3.39 -5.82
CA ASP A 395 0.04 2.94 -4.90
C ASP A 395 0.82 2.30 -3.78
N ARG A 396 0.45 2.61 -2.54
CA ARG A 396 1.09 2.03 -1.35
C ARG A 396 2.63 2.21 -1.31
N ASP A 397 2.98 3.48 -1.52
CA ASP A 397 4.34 4.02 -1.56
C ASP A 397 4.98 4.02 -0.17
N ILE A 398 5.21 2.84 0.40
CA ILE A 398 5.66 2.72 1.80
C ILE A 398 6.88 1.82 2.00
N ALA A 399 7.73 2.18 2.95
CA ALA A 399 8.94 1.41 3.20
C ALA A 399 9.30 1.41 4.69
N LEU A 400 9.82 0.32 5.18
CA LEU A 400 10.23 0.26 6.55
C LEU A 400 11.69 -0.11 6.63
N MET A 401 12.45 0.55 7.51
CA MET A 401 13.87 0.22 7.69
C MET A 401 14.28 0.06 9.15
N LYS A 402 15.04 -1.01 9.44
CA LYS A 402 15.58 -1.24 10.78
C LYS A 402 17.08 -0.88 10.81
N LEU A 403 17.50 -0.13 11.84
CA LEU A 403 18.90 0.32 11.95
C LEU A 403 19.77 -0.70 12.64
N LYS A 404 21.06 -0.70 12.29
CA LYS A 404 21.98 -1.72 12.75
C LYS A 404 22.27 -1.70 14.27
N LYS A 405 21.59 -0.82 15.01
CA LYS A 405 21.79 -0.66 16.45
C LYS A 405 20.81 0.39 16.92
N PRO A 406 20.19 0.19 18.11
CA PRO A 406 19.33 1.24 18.65
C PRO A 406 20.03 2.61 18.68
N VAL A 407 19.29 3.63 18.29
CA VAL A 407 19.76 5.00 18.38
C VAL A 407 19.36 5.54 19.74
N ALA A 408 20.34 6.14 20.38
CA ALA A 408 20.18 6.65 21.71
C ALA A 408 19.52 8.00 21.59
N PHE A 409 18.55 8.26 22.46
CA PHE A 409 17.77 9.48 22.34
C PHE A 409 18.48 10.70 22.90
N SER A 410 17.67 11.71 23.24
CA SER A 410 18.13 12.98 23.82
C SER A 410 17.06 14.03 23.56
N ASP A 411 17.49 15.28 23.44
CA ASP A 411 16.61 16.39 23.12
C ASP A 411 16.55 16.61 21.61
N TYR A 412 17.29 15.81 20.86
CA TYR A 412 17.42 16.04 19.44
C TYR A 412 16.84 14.86 18.71
N ILE A 413 16.85 13.70 19.37
CA ILE A 413 16.28 12.50 18.81
C ILE A 413 15.36 11.84 19.81
N HIS A 414 14.18 11.45 19.32
CA HIS A 414 13.07 11.01 20.15
C HIS A 414 11.88 10.72 19.21
N PRO A 415 11.33 9.49 19.27
CA PRO A 415 10.52 8.96 18.17
C PRO A 415 9.10 9.50 18.13
N VAL A 416 8.41 9.26 17.02
CA VAL A 416 7.01 9.67 16.88
C VAL A 416 6.02 8.52 17.20
N CYS A 417 4.72 8.85 17.28
CA CYS A 417 3.68 7.87 17.53
C CYS A 417 2.95 7.56 16.26
N LEU A 418 2.79 6.27 16.01
CA LEU A 418 2.03 5.80 14.88
C LEU A 418 0.62 5.51 15.36
N PRO A 419 -0.39 6.10 14.71
CA PRO A 419 -1.76 5.92 15.18
C PRO A 419 -2.45 4.69 14.61
N ASP A 420 -3.33 4.06 15.39
CA ASP A 420 -4.31 3.15 14.79
C ASP A 420 -5.27 3.97 13.94
N ARG A 421 -6.29 3.30 13.44
CA ARG A 421 -7.31 3.96 12.63
C ARG A 421 -8.21 4.78 13.54
N GLU A 422 -8.69 4.15 14.60
CA GLU A 422 -9.56 4.77 15.58
C GLU A 422 -8.99 6.13 16.06
N THR A 423 -7.66 6.20 16.13
CA THR A 423 -6.96 7.40 16.63
C THR A 423 -6.78 8.45 15.54
N ALA A 424 -6.39 8.03 14.34
CA ALA A 424 -6.32 8.94 13.21
C ALA A 424 -7.72 9.46 12.92
N ALA A 425 -8.69 8.56 12.96
CA ALA A 425 -10.12 8.88 12.88
C ALA A 425 -10.48 9.98 13.86
N SER A 426 -10.13 9.79 15.14
CA SER A 426 -10.34 10.85 16.13
C SER A 426 -9.72 12.18 15.66
N LEU A 427 -8.45 12.16 15.28
CA LEU A 427 -7.72 13.40 15.02
C LEU A 427 -8.36 14.25 13.94
N LEU A 428 -8.71 13.64 12.81
CA LEU A 428 -9.18 14.39 11.64
C LEU A 428 -10.52 14.98 11.94
N GLN A 429 -11.23 14.39 12.89
CA GLN A 429 -12.46 14.97 13.40
C GLN A 429 -12.16 16.32 14.10
N ALA A 430 -11.05 16.40 14.81
CA ALA A 430 -10.77 17.59 15.63
C ALA A 430 -9.76 18.57 15.00
N GLY A 431 -8.67 18.05 14.42
CA GLY A 431 -7.69 18.89 13.73
C GLY A 431 -8.10 19.10 12.29
N TYR A 432 -7.76 20.25 11.71
CA TYR A 432 -8.03 20.52 10.28
C TYR A 432 -6.81 21.08 9.62
N LYS A 433 -5.69 20.93 10.33
CA LYS A 433 -4.35 21.28 9.83
C LYS A 433 -3.31 20.30 10.44
N GLY A 434 -2.20 20.12 9.72
CA GLY A 434 -1.10 19.28 10.19
C GLY A 434 0.21 19.97 9.89
N ARG A 435 1.31 19.32 10.19
CA ARG A 435 2.60 19.95 10.00
C ARG A 435 3.47 19.22 8.98
N VAL A 436 4.07 19.97 8.05
CA VAL A 436 5.06 19.40 7.13
C VAL A 436 6.42 20.07 7.21
N THR A 437 7.42 19.23 7.47
CA THR A 437 8.78 19.66 7.74
C THR A 437 9.80 18.91 6.86
N GLY A 438 10.96 19.52 6.71
CA GLY A 438 12.00 18.91 5.92
C GLY A 438 12.91 19.99 5.46
N TRP A 439 13.76 19.65 4.51
CA TRP A 439 14.69 20.56 3.90
C TRP A 439 14.25 20.62 2.48
N GLY A 440 12.92 20.63 2.32
CA GLY A 440 12.29 20.66 1.00
C GLY A 440 12.95 19.78 -0.04
N ASN A 441 12.97 18.49 0.25
CA ASN A 441 13.52 17.52 -0.69
C ASN A 441 12.55 17.11 -1.79
N LEU A 442 11.27 17.38 -1.60
CA LEU A 442 10.31 17.02 -2.61
C LEU A 442 10.43 17.93 -3.81
N LYS A 443 10.60 19.23 -3.57
CA LYS A 443 10.86 20.15 -4.67
C LYS A 443 12.21 19.79 -5.34
N GLU A 444 13.11 19.20 -4.56
CA GLU A 444 14.46 18.89 -5.03
C GLU A 444 14.48 17.70 -5.95
N THR A 445 13.82 16.62 -5.54
CA THR A 445 13.82 15.41 -6.36
C THR A 445 12.98 15.59 -7.65
N TRP A 446 11.74 16.10 -7.49
CA TRP A 446 10.68 16.04 -8.53
C TRP A 446 10.43 17.25 -9.42
N THR A 447 11.11 18.38 -9.12
CA THR A 447 11.20 19.49 -10.08
C THR A 447 12.62 20.04 -10.22
N ALA A 448 12.80 20.89 -11.22
CA ALA A 448 14.04 21.58 -11.44
C ALA A 448 14.39 22.62 -10.33
N ASN A 449 13.43 22.89 -9.44
CA ASN A 449 13.58 23.83 -8.30
C ASN A 449 14.15 25.21 -8.66
N VAL A 450 13.55 25.80 -9.70
CA VAL A 450 14.07 27.02 -10.34
C VAL A 450 13.72 28.37 -9.68
N GLY A 451 13.08 28.34 -8.50
CA GLY A 451 12.89 29.56 -7.69
C GLY A 451 14.19 29.88 -6.97
N LYS A 452 14.10 30.49 -5.79
CA LYS A 452 15.24 30.48 -4.84
C LYS A 452 15.66 29.02 -4.50
N GLY A 453 16.97 28.75 -4.43
CA GLY A 453 17.49 27.37 -4.24
C GLY A 453 17.02 26.59 -3.01
N GLN A 454 17.55 25.38 -2.84
CA GLN A 454 17.28 24.55 -1.64
C GLN A 454 17.48 25.29 -0.31
N PRO A 455 16.67 24.99 0.73
CA PRO A 455 16.71 25.77 1.96
C PRO A 455 17.90 25.42 2.81
N SER A 456 18.35 26.33 3.66
CA SER A 456 19.59 26.11 4.40
C SER A 456 19.37 25.33 5.70
N VAL A 457 18.14 25.32 6.19
CA VAL A 457 17.78 24.63 7.44
C VAL A 457 16.46 23.84 7.30
N LEU A 458 16.21 22.92 8.24
CA LEU A 458 14.96 22.20 8.31
C LEU A 458 13.80 23.18 8.51
N GLN A 459 13.08 23.41 7.43
CA GLN A 459 11.95 24.29 7.43
C GLN A 459 10.77 23.61 8.13
N VAL A 460 9.68 24.37 8.34
CA VAL A 460 8.46 23.87 8.99
C VAL A 460 7.30 24.70 8.49
N VAL A 461 6.17 24.05 8.28
CA VAL A 461 4.98 24.75 7.80
C VAL A 461 3.75 23.99 8.25
N ASN A 462 2.60 24.63 8.21
CA ASN A 462 1.39 23.93 8.53
C ASN A 462 0.50 24.05 7.36
N LEU A 463 -0.32 23.02 7.14
CA LEU A 463 -1.19 22.93 5.97
C LEU A 463 -2.57 22.41 6.30
N PRO A 464 -3.55 22.79 5.48
CA PRO A 464 -4.85 22.21 5.73
C PRO A 464 -5.05 20.89 4.99
N ILE A 465 -5.73 19.98 5.68
CA ILE A 465 -6.28 18.74 5.13
C ILE A 465 -7.49 19.04 4.23
N VAL A 466 -7.58 18.40 3.07
CA VAL A 466 -8.70 18.71 2.19
C VAL A 466 -9.81 17.64 2.29
N GLU A 467 -11.05 17.99 1.95
CA GLU A 467 -12.14 16.99 1.92
C GLU A 467 -11.81 15.92 0.90
N ARG A 468 -12.12 14.68 1.25
CA ARG A 468 -11.88 13.57 0.35
C ARG A 468 -12.44 13.84 -1.05
N PRO A 469 -13.72 14.32 -1.15
CA PRO A 469 -14.26 14.61 -2.48
C PRO A 469 -13.47 15.68 -3.24
N VAL A 470 -13.15 16.78 -2.57
CA VAL A 470 -12.40 17.90 -3.17
C VAL A 470 -11.13 17.41 -3.86
N CYS A 471 -10.32 16.70 -3.07
CA CYS A 471 -9.06 16.13 -3.48
C CYS A 471 -9.25 15.04 -4.55
N LYS A 472 -10.43 14.39 -4.56
CA LYS A 472 -10.79 13.40 -5.60
C LYS A 472 -11.06 14.05 -6.96
N ASP A 473 -12.01 14.98 -6.97
CA ASP A 473 -12.39 15.72 -8.18
C ASP A 473 -11.49 16.94 -8.36
N SER A 474 -10.32 16.94 -7.72
CA SER A 474 -9.29 17.96 -7.96
C SER A 474 -8.16 17.31 -8.77
N THR A 475 -8.41 16.10 -9.24
CA THR A 475 -7.42 15.30 -9.97
C THR A 475 -7.96 14.23 -10.98
N ARG A 476 -7.63 14.45 -12.25
CA ARG A 476 -7.56 13.41 -13.28
C ARG A 476 -7.03 12.04 -12.78
N ILE A 477 -6.15 12.06 -11.76
CA ILE A 477 -5.61 10.83 -11.15
C ILE A 477 -6.64 10.27 -10.15
N ARG A 478 -6.34 9.14 -9.52
CA ARG A 478 -7.32 8.59 -8.59
C ARG A 478 -6.79 8.38 -7.15
N ILE A 479 -7.65 8.71 -6.19
CA ILE A 479 -7.36 8.64 -4.76
C ILE A 479 -8.07 7.44 -4.15
N THR A 480 -7.28 6.42 -3.80
CA THR A 480 -7.76 5.29 -3.02
C THR A 480 -8.17 5.78 -1.66
N ASP A 481 -8.80 4.92 -0.87
CA ASP A 481 -9.12 5.28 0.50
C ASP A 481 -7.90 5.25 1.41
N ASN A 482 -6.71 5.34 0.81
CA ASN A 482 -5.44 5.18 1.50
C ASN A 482 -4.47 6.36 1.31
N MET A 483 -4.91 7.37 0.60
CA MET A 483 -4.09 8.54 0.38
C MET A 483 -4.82 9.69 0.99
N PHE A 484 -4.18 10.85 1.05
CA PHE A 484 -4.85 12.10 1.42
C PHE A 484 -4.09 13.37 0.99
N CYS A 485 -4.81 14.50 0.89
CA CYS A 485 -4.33 15.74 0.28
C CYS A 485 -4.16 16.90 1.23
N ALA A 486 -3.17 17.75 0.96
CA ALA A 486 -2.98 18.92 1.82
C ALA A 486 -2.61 20.16 1.02
N GLY A 487 -3.07 21.31 1.50
CA GLY A 487 -2.69 22.62 0.94
C GLY A 487 -3.87 23.54 0.71
N TYR A 488 -3.71 24.85 0.97
CA TYR A 488 -4.78 25.82 0.72
C TYR A 488 -5.07 25.86 -0.78
N LYS A 489 -6.30 26.21 -1.13
CA LYS A 489 -6.75 26.09 -2.50
C LYS A 489 -6.48 27.37 -3.26
N PRO A 490 -5.47 27.35 -4.17
CA PRO A 490 -4.91 28.55 -4.86
C PRO A 490 -5.91 29.62 -5.36
N ASP A 491 -5.65 30.86 -4.95
CA ASP A 491 -6.43 32.07 -5.29
C ASP A 491 -5.44 33.24 -5.26
N GLU A 492 -5.92 34.46 -5.58
CA GLU A 492 -5.04 35.64 -5.85
C GLU A 492 -4.25 36.23 -4.64
N GLY A 493 -4.53 35.73 -3.44
CA GLY A 493 -3.80 36.03 -2.21
C GLY A 493 -3.81 34.75 -1.38
N LYS A 494 -4.84 33.94 -1.59
CA LYS A 494 -4.94 32.57 -1.07
C LYS A 494 -4.22 31.64 -2.07
N ARG A 495 -3.00 32.05 -2.46
CA ARG A 495 -2.10 31.32 -3.36
C ARG A 495 -1.66 29.96 -2.81
N GLY A 496 -1.12 29.11 -3.69
CA GLY A 496 -0.70 27.75 -3.31
C GLY A 496 0.63 27.22 -3.84
N ASP A 497 1.60 27.15 -2.93
CA ASP A 497 2.75 26.26 -3.08
C ASP A 497 2.37 24.97 -2.35
N ALA A 498 2.33 23.85 -3.10
CA ALA A 498 1.96 22.56 -2.53
C ALA A 498 3.20 21.72 -2.31
N CYS A 499 4.15 21.81 -3.24
CA CYS A 499 5.29 20.93 -3.25
C CYS A 499 6.20 21.19 -2.06
N GLU A 500 5.72 20.79 -0.88
CA GLU A 500 6.43 21.03 0.37
C GLU A 500 6.90 19.71 0.93
N GLY A 501 7.87 19.77 1.84
CA GLY A 501 8.34 18.58 2.54
C GLY A 501 9.42 17.79 1.86
N ASP A 502 9.77 16.67 2.48
CA ASP A 502 10.75 15.73 1.96
C ASP A 502 10.06 14.53 1.40
N SER A 503 10.57 14.05 0.28
CA SER A 503 10.15 12.77 -0.24
C SER A 503 10.28 11.72 0.85
N GLY A 504 9.20 10.99 1.11
CA GLY A 504 9.22 9.91 2.09
C GLY A 504 9.28 10.40 3.51
N GLY A 505 8.88 11.66 3.72
CA GLY A 505 8.92 12.26 5.04
C GLY A 505 7.65 12.08 5.87
N PRO A 506 7.53 12.87 6.96
CA PRO A 506 6.40 12.84 7.84
C PRO A 506 5.43 14.01 7.65
N PHE A 507 4.17 13.79 7.98
CA PHE A 507 3.15 14.82 8.04
C PHE A 507 2.55 14.55 9.39
N VAL A 508 2.75 15.45 10.31
CA VAL A 508 2.32 15.10 11.63
C VAL A 508 1.19 15.97 12.05
N MET A 509 0.39 15.45 12.99
CA MET A 509 -0.61 16.22 13.73
C MET A 509 -0.44 16.03 15.24
N LYS A 510 -0.65 17.10 16.02
CA LYS A 510 -0.60 17.01 17.49
C LYS A 510 -1.98 16.84 18.11
N SER A 511 -2.12 15.88 19.02
CA SER A 511 -3.40 15.59 19.66
C SER A 511 -3.69 16.42 20.91
N PRO A 512 -4.91 16.97 21.00
CA PRO A 512 -5.34 17.64 22.17
C PRO A 512 -6.16 16.64 22.95
N PHE A 513 -5.49 15.61 23.45
CA PHE A 513 -6.06 14.59 24.35
C PHE A 513 -4.92 13.99 25.16
N ASN A 514 -3.69 14.24 24.71
CA ASN A 514 -2.51 13.65 25.32
C ASN A 514 -1.25 14.38 24.85
N ASN A 515 -1.43 15.56 24.26
CA ASN A 515 -0.32 16.38 23.75
C ASN A 515 0.67 15.70 22.83
N ARG A 516 0.39 14.45 22.49
CA ARG A 516 1.32 13.67 21.68
C ARG A 516 1.23 14.04 20.19
N TRP A 517 2.35 13.86 19.48
CA TRP A 517 2.43 14.10 18.04
C TRP A 517 2.35 12.77 17.26
N TYR A 518 1.34 12.64 16.40
CA TYR A 518 1.22 11.45 15.56
C TYR A 518 1.65 11.77 14.16
N GLN A 519 2.12 10.78 13.42
CA GLN A 519 2.40 10.99 11.99
C GLN A 519 1.20 10.51 11.21
N MET A 520 0.57 11.40 10.48
CA MET A 520 -0.67 11.00 9.87
C MET A 520 -0.43 10.39 8.50
N GLY A 521 0.65 10.81 7.87
CA GLY A 521 0.85 10.51 6.47
C GLY A 521 2.31 10.43 6.15
N ILE A 522 2.62 9.90 4.96
CA ILE A 522 3.97 9.87 4.45
C ILE A 522 3.99 10.60 3.11
N VAL A 523 4.74 11.70 3.03
CA VAL A 523 4.85 12.51 1.81
C VAL A 523 5.10 11.61 0.64
N SER A 524 4.25 11.66 -0.37
CA SER A 524 4.56 10.98 -1.63
C SER A 524 4.76 11.97 -2.78
N TRP A 525 4.56 11.52 -4.00
CA TRP A 525 4.67 12.47 -5.08
C TRP A 525 3.37 13.20 -5.20
N GLY A 526 3.50 14.50 -5.35
CA GLY A 526 2.35 15.36 -5.52
C GLY A 526 2.24 15.76 -6.97
N GLU A 527 1.02 15.66 -7.49
CA GLU A 527 0.73 16.28 -8.75
C GLU A 527 0.88 17.76 -8.52
N GLY A 528 0.61 18.20 -7.31
CA GLY A 528 0.85 19.58 -6.92
C GLY A 528 2.33 19.87 -6.79
N CYS A 529 3.08 19.54 -7.84
CA CYS A 529 4.48 19.91 -7.96
C CYS A 529 4.72 20.50 -9.34
N ASP A 530 3.66 20.53 -10.15
CA ASP A 530 3.74 20.92 -11.54
C ASP A 530 2.81 22.09 -11.82
N ARG A 531 1.52 21.82 -11.96
CA ARG A 531 0.59 22.94 -12.19
C ARG A 531 0.35 23.66 -10.88
N ASP A 532 0.39 25.00 -10.91
CA ASP A 532 0.31 25.86 -9.69
C ASP A 532 -0.86 25.46 -8.81
N GLY A 533 -1.84 24.79 -9.45
CA GLY A 533 -3.17 24.61 -8.88
C GLY A 533 -3.52 23.33 -8.13
N LYS A 534 -2.54 22.54 -7.71
CA LYS A 534 -2.87 21.25 -7.12
C LYS A 534 -2.65 21.13 -5.59
N TYR A 535 -2.36 19.91 -5.12
CA TYR A 535 -2.09 19.63 -3.70
C TYR A 535 -0.99 18.59 -3.52
N GLY A 536 -0.45 18.52 -2.31
CA GLY A 536 0.46 17.44 -1.92
C GLY A 536 -0.37 16.24 -1.54
N PHE A 537 0.04 15.07 -2.03
CA PHE A 537 -0.63 13.78 -1.76
C PHE A 537 0.21 13.08 -0.69
N TYR A 538 -0.47 12.36 0.19
CA TYR A 538 0.18 11.76 1.32
C TYR A 538 -0.33 10.37 1.54
N THR A 539 0.49 9.50 2.09
CA THR A 539 0.05 8.13 2.26
C THR A 539 -0.36 7.94 3.70
N HIS A 540 -1.64 7.66 3.95
CA HIS A 540 -2.17 7.48 5.30
C HIS A 540 -1.39 6.48 6.11
N VAL A 541 -0.89 6.84 7.29
CA VAL A 541 -0.13 5.87 8.09
C VAL A 541 -0.99 5.07 9.08
N PHE A 542 -2.29 5.30 9.09
CA PHE A 542 -3.14 4.58 10.03
C PHE A 542 -3.30 3.11 9.67
N ARG A 543 -3.16 2.83 8.39
CA ARG A 543 -3.34 1.48 7.89
C ARG A 543 -2.21 0.55 8.32
N LEU A 544 -1.07 1.12 8.70
CA LEU A 544 0.22 0.42 8.61
C LEU A 544 0.50 -0.52 9.75
N LYS A 545 -0.10 -0.23 10.89
CA LYS A 545 0.25 -0.86 12.15
C LYS A 545 0.48 -2.35 12.01
N LYS A 546 -0.57 -3.08 11.63
CA LYS A 546 -0.48 -4.55 11.58
C LYS A 546 0.61 -5.07 10.62
N TRP A 547 0.79 -4.40 9.49
CA TRP A 547 1.92 -4.72 8.64
C TRP A 547 3.21 -4.66 9.46
N ILE A 548 3.55 -3.47 9.93
CA ILE A 548 4.61 -3.27 10.90
C ILE A 548 4.59 -4.31 12.03
N GLN A 549 3.38 -4.65 12.49
CA GLN A 549 3.14 -5.67 13.52
C GLN A 549 3.76 -7.01 13.13
N LYS A 550 3.60 -7.40 11.87
CA LYS A 550 4.13 -8.67 11.38
C LYS A 550 5.63 -8.58 11.06
N VAL A 551 6.07 -7.41 10.60
CA VAL A 551 7.43 -7.30 10.10
C VAL A 551 8.40 -7.26 11.26
N ILE A 552 7.99 -6.64 12.35
CA ILE A 552 8.79 -6.64 13.57
C ILE A 552 8.86 -8.06 14.15
N ASP A 553 7.70 -8.69 14.34
CA ASP A 553 7.57 -10.01 14.95
C ASP A 553 8.43 -11.10 14.36
N GLN A 554 8.94 -10.84 13.17
CA GLN A 554 9.84 -11.75 12.47
C GLN A 554 11.25 -11.67 13.08
N PHE A 555 11.30 -11.50 14.40
CA PHE A 555 12.59 -11.29 15.09
C PHE A 555 12.79 -12.06 16.43
N GLY A 556 12.51 -11.42 17.58
CA GLY A 556 12.91 -11.91 18.93
C GLY A 556 14.12 -11.22 19.63
N GLU A 557 15.08 -10.74 18.82
CA GLU A 557 16.33 -10.07 19.27
C GLU A 557 16.76 -8.92 18.31
#